data_2O9T
#
_entry.id   2O9T
#
_cell.length_a   71.330
_cell.length_b   75.580
_cell.length_c   88.950
_cell.angle_alpha   90.00
_cell.angle_beta   90.00
_cell.angle_gamma   90.00
#
_symmetry.space_group_name_H-M   'P 21 21 21'
#
loop_
_entity.id
_entity.type
_entity.pdbx_description
1 polymer 'Beta-glucosidase B'
2 non-polymer beta-D-glucopyranose
3 water water
#
_entity_poly.entity_id   1
_entity_poly.type   'polypeptide(L)'
_entity_poly.pdbx_seq_one_letter_code
;MHHHHHHSENTFIFPATFMWGTSTSSYQIEGGTDEGGRTPSIWDTFCQIPGKVIGGDCGDVACDHFHHFKEDVQLMKQLG
FLHYRFSVAWPRIMPAAGIINEEGLLFYEHLLDEIELAGLIPMLTLYHWDLPQWIEDEGGWTQRETIQHFKTYASVIMDR
FGERINWWNTINEPYCASILGYGTGEHAPGHENWREAFTAAHHILMCHGIASNLHKEKGLTGKIGITLNMEHVDAASERP
EDVAAAIRRDGFINRWFAEPLFNGKYPEDMVEWYGTYLNGLDFVQPGDMELIQQPGDFLGINYYTRSIIRSTNDASLLQV
EQVHMEEPVTDMGWEIHPESFYKLLTRIEKDFSKGLPILITENGAAMRDELVNGQIEDTGRQRYIEEHLKACHRFIEEGG
QLKGYFVWSFLDNFEWAWGYSKRFGIVHINYETQERTPKQSALWFKQMMAKNGF
;
_entity_poly.pdbx_strand_id   A
#
loop_
_chem_comp.id
_chem_comp.type
_chem_comp.name
_chem_comp.formula
BGC D-saccharide, beta linking beta-D-glucopyranose 'C6 H12 O6'
#
# COMPACT_ATOMS: atom_id res chain seq x y z
N ASN A 10 20.10 -25.99 -3.34
CA ASN A 10 19.13 -25.05 -3.99
C ASN A 10 18.06 -24.69 -2.95
N THR A 11 18.50 -24.43 -1.71
CA THR A 11 17.57 -24.06 -0.63
C THR A 11 17.69 -22.56 -0.36
N PHE A 12 16.58 -21.95 0.06
CA PHE A 12 16.58 -20.53 0.36
C PHE A 12 16.15 -20.27 1.78
N ILE A 13 17.13 -20.05 2.65
CA ILE A 13 16.89 -19.80 4.04
C ILE A 13 17.15 -18.33 4.34
N PHE A 14 16.17 -17.68 4.95
CA PHE A 14 16.27 -16.26 5.29
C PHE A 14 16.75 -16.04 6.72
N PRO A 15 17.33 -14.87 6.99
CA PRO A 15 17.83 -14.54 8.32
C PRO A 15 16.93 -15.06 9.43
N ALA A 16 17.49 -15.14 10.63
CA ALA A 16 16.74 -15.62 11.78
C ALA A 16 15.77 -14.55 12.22
N THR A 17 16.20 -13.30 12.08
CA THR A 17 15.40 -12.17 12.49
C THR A 17 14.41 -11.69 11.42
N PHE A 18 14.46 -12.27 10.22
CA PHE A 18 13.57 -11.85 9.14
C PHE A 18 12.13 -11.75 9.63
N MET A 19 11.42 -10.71 9.18
CA MET A 19 10.02 -10.50 9.58
C MET A 19 9.05 -11.07 8.55
N TRP A 20 8.31 -12.09 8.95
CA TRP A 20 7.31 -12.73 8.10
C TRP A 20 5.92 -12.29 8.54
N GLY A 21 5.17 -11.69 7.63
CA GLY A 21 3.84 -11.24 8.00
C GLY A 21 2.81 -11.27 6.90
N THR A 22 1.65 -10.73 7.22
CA THR A 22 0.55 -10.67 6.28
C THR A 22 -0.05 -9.28 6.41
N SER A 23 -0.63 -8.79 5.32
CA SER A 23 -1.17 -7.45 5.32
C SER A 23 -2.58 -7.31 4.72
N THR A 24 -3.34 -6.35 5.24
CA THR A 24 -4.70 -6.08 4.76
C THR A 24 -4.89 -4.56 4.68
N SER A 25 -6.12 -4.14 4.43
CA SER A 25 -6.50 -2.73 4.34
C SER A 25 -7.89 -2.57 4.99
N SER A 26 -8.16 -1.44 5.65
CA SER A 26 -9.45 -1.27 6.33
C SER A 26 -10.67 -1.26 5.46
N TYR A 27 -10.67 -0.49 4.38
CA TYR A 27 -11.84 -0.47 3.53
C TYR A 27 -12.01 -1.78 2.77
N GLN A 28 -10.91 -2.38 2.33
CA GLN A 28 -10.96 -3.63 1.58
C GLN A 28 -11.49 -4.86 2.35
N ILE A 29 -11.37 -4.89 3.68
CA ILE A 29 -11.85 -6.08 4.40
C ILE A 29 -12.89 -5.92 5.50
N GLU A 30 -12.96 -4.74 6.11
CA GLU A 30 -13.87 -4.53 7.23
C GLU A 30 -15.37 -4.65 7.02
N GLY A 31 -15.89 -3.97 6.00
CA GLY A 31 -17.31 -3.97 5.81
C GLY A 31 -17.85 -3.03 6.87
N GLY A 32 -19.05 -3.32 7.38
CA GLY A 32 -19.64 -2.45 8.41
C GLY A 32 -19.42 -0.99 8.13
N THR A 33 -19.69 -0.59 6.89
CA THR A 33 -19.54 0.78 6.41
C THR A 33 -20.33 1.84 7.19
N ASP A 34 -21.55 1.50 7.58
CA ASP A 34 -22.43 2.42 8.30
C ASP A 34 -22.70 1.91 9.71
N GLU A 35 -21.71 1.25 10.29
CA GLU A 35 -21.83 0.69 11.63
C GLU A 35 -20.80 1.30 12.56
N GLY A 36 -21.14 1.32 13.85
CA GLY A 36 -20.25 1.85 14.86
C GLY A 36 -19.93 3.33 14.72
N GLY A 37 -20.78 4.06 14.01
CA GLY A 37 -20.55 5.48 13.86
C GLY A 37 -19.71 5.89 12.66
N ARG A 38 -19.24 4.91 11.89
CA ARG A 38 -18.44 5.21 10.71
C ARG A 38 -19.27 6.02 9.72
N THR A 39 -18.66 7.03 9.11
CA THR A 39 -19.35 7.82 8.10
C THR A 39 -18.71 7.43 6.76
N PRO A 40 -19.34 7.79 5.63
CA PRO A 40 -18.79 7.42 4.33
C PRO A 40 -17.39 7.94 3.99
N SER A 41 -16.59 7.08 3.34
CA SER A 41 -15.25 7.48 2.92
C SER A 41 -15.36 7.83 1.45
N ILE A 42 -14.31 8.40 0.89
CA ILE A 42 -14.35 8.77 -0.52
C ILE A 42 -14.62 7.58 -1.43
N TRP A 43 -14.20 6.39 -1.00
CA TRP A 43 -14.43 5.21 -1.82
C TRP A 43 -15.90 4.76 -1.81
N ASP A 44 -16.60 5.05 -0.72
CA ASP A 44 -18.00 4.69 -0.61
C ASP A 44 -18.75 5.49 -1.68
N THR A 45 -18.29 6.71 -1.93
CA THR A 45 -18.90 7.59 -2.92
C THR A 45 -18.44 7.24 -4.32
N PHE A 46 -17.13 7.05 -4.45
CA PHE A 46 -16.49 6.70 -5.72
C PHE A 46 -17.07 5.45 -6.34
N CYS A 47 -17.21 4.40 -5.54
CA CYS A 47 -17.72 3.14 -6.06
C CYS A 47 -19.12 3.24 -6.68
N GLN A 48 -19.89 4.27 -6.33
CA GLN A 48 -21.26 4.46 -6.85
C GLN A 48 -21.32 5.15 -8.22
N ILE A 49 -20.17 5.66 -8.67
CA ILE A 49 -20.06 6.33 -9.97
C ILE A 49 -19.92 5.26 -11.05
N PRO A 50 -20.91 5.17 -11.97
CA PRO A 50 -20.94 4.20 -13.08
C PRO A 50 -19.62 4.09 -13.84
N GLY A 51 -19.07 2.89 -13.94
CA GLY A 51 -17.84 2.69 -14.67
C GLY A 51 -16.56 2.74 -13.87
N LYS A 52 -16.57 3.39 -12.71
CA LYS A 52 -15.36 3.49 -11.90
C LYS A 52 -14.88 2.17 -11.31
N VAL A 53 -15.80 1.27 -10.98
CA VAL A 53 -15.44 -0.02 -10.39
C VAL A 53 -16.12 -1.17 -11.13
N ILE A 54 -15.35 -2.19 -11.47
CA ILE A 54 -15.88 -3.35 -12.16
C ILE A 54 -17.14 -3.83 -11.45
N GLY A 55 -18.16 -4.16 -12.24
CA GLY A 55 -19.41 -4.64 -11.70
C GLY A 55 -20.14 -3.69 -10.76
N GLY A 56 -19.64 -2.48 -10.59
CA GLY A 56 -20.28 -1.55 -9.68
C GLY A 56 -20.06 -1.93 -8.23
N ASP A 57 -19.12 -2.84 -8.00
CA ASP A 57 -18.86 -3.28 -6.62
C ASP A 57 -18.39 -2.17 -5.72
N CYS A 58 -18.82 -2.30 -4.47
CA CYS A 58 -18.52 -1.36 -3.40
C CYS A 58 -18.01 -2.13 -2.16
N GLY A 59 -17.32 -1.41 -1.26
CA GLY A 59 -16.78 -2.02 -0.06
C GLY A 59 -17.78 -2.36 1.04
N ASP A 60 -19.05 -2.33 0.68
CA ASP A 60 -20.13 -2.67 1.60
C ASP A 60 -19.95 -4.14 1.97
N VAL A 61 -19.88 -4.41 3.27
CA VAL A 61 -19.69 -5.76 3.80
C VAL A 61 -18.31 -6.36 3.51
N ALA A 62 -17.91 -6.40 2.24
CA ALA A 62 -16.61 -6.95 1.86
C ALA A 62 -16.39 -8.31 2.57
N CYS A 63 -15.32 -8.47 3.35
CA CYS A 63 -15.07 -9.74 4.07
C CYS A 63 -15.73 -9.76 5.44
N ASP A 64 -16.39 -8.66 5.78
CA ASP A 64 -17.06 -8.52 7.05
C ASP A 64 -16.13 -8.75 8.25
N HIS A 65 -14.86 -8.39 8.06
CA HIS A 65 -13.82 -8.51 9.08
C HIS A 65 -14.19 -7.73 10.35
N PHE A 66 -15.07 -6.74 10.19
CA PHE A 66 -15.52 -5.93 11.30
C PHE A 66 -16.17 -6.84 12.35
N HIS A 67 -16.79 -7.91 11.87
CA HIS A 67 -17.43 -8.88 12.74
C HIS A 67 -16.59 -10.14 12.93
N HIS A 68 -15.81 -10.52 11.93
CA HIS A 68 -14.98 -11.73 11.99
C HIS A 68 -13.52 -11.53 12.41
N PHE A 69 -13.16 -10.35 12.92
CA PHE A 69 -11.78 -10.09 13.29
C PHE A 69 -11.11 -11.09 14.23
N LYS A 70 -11.82 -11.55 15.26
CA LYS A 70 -11.22 -12.52 16.17
C LYS A 70 -10.94 -13.84 15.45
N GLU A 71 -11.85 -14.27 14.59
CA GLU A 71 -11.60 -15.53 13.88
C GLU A 71 -10.50 -15.35 12.85
N ASP A 72 -10.34 -14.13 12.34
CA ASP A 72 -9.28 -13.91 11.36
C ASP A 72 -7.91 -13.91 12.03
N VAL A 73 -7.75 -13.10 13.07
CA VAL A 73 -6.48 -13.02 13.80
C VAL A 73 -6.04 -14.40 14.29
N GLN A 74 -7.00 -15.23 14.68
CA GLN A 74 -6.69 -16.59 15.13
C GLN A 74 -6.27 -17.38 13.89
N LEU A 75 -6.96 -17.14 12.78
CA LEU A 75 -6.65 -17.85 11.53
C LEU A 75 -5.19 -17.53 11.17
N MET A 76 -4.76 -16.32 11.47
CA MET A 76 -3.39 -15.88 11.19
C MET A 76 -2.42 -16.72 12.03
N LYS A 77 -2.70 -16.80 13.33
CA LYS A 77 -1.88 -17.57 14.23
C LYS A 77 -1.80 -19.01 13.73
N GLN A 78 -2.95 -19.64 13.56
CA GLN A 78 -3.01 -21.00 13.06
C GLN A 78 -2.10 -21.14 11.83
N LEU A 79 -2.02 -20.09 11.02
CA LEU A 79 -1.19 -20.10 9.83
C LEU A 79 0.29 -19.79 10.07
N GLY A 80 0.66 -19.60 11.33
CA GLY A 80 2.04 -19.36 11.69
C GLY A 80 2.61 -17.97 11.43
N PHE A 81 1.76 -16.95 11.50
CA PHE A 81 2.19 -15.60 11.26
C PHE A 81 2.49 -14.84 12.53
N LEU A 82 3.66 -14.24 12.59
CA LEU A 82 4.03 -13.50 13.79
C LEU A 82 3.81 -12.00 13.66
N HIS A 83 3.51 -11.55 12.44
CA HIS A 83 3.29 -10.14 12.15
C HIS A 83 2.03 -9.92 11.31
N TYR A 84 1.30 -8.85 11.61
CA TYR A 84 0.10 -8.53 10.89
C TYR A 84 -0.02 -7.02 10.66
N ARG A 85 0.06 -6.59 9.41
CA ARG A 85 -0.06 -5.15 9.10
C ARG A 85 -1.49 -4.87 8.67
N PHE A 86 -2.12 -3.88 9.29
CA PHE A 86 -3.48 -3.48 8.98
C PHE A 86 -3.57 -1.96 9.01
N SER A 87 -4.64 -1.41 8.44
CA SER A 87 -4.79 0.03 8.44
C SER A 87 -6.00 0.42 9.26
N VAL A 88 -6.03 1.67 9.69
CA VAL A 88 -7.15 2.16 10.46
C VAL A 88 -8.03 2.97 9.54
N ALA A 89 -9.34 2.75 9.65
CA ALA A 89 -10.26 3.51 8.81
C ALA A 89 -10.52 4.86 9.44
N TRP A 90 -9.90 5.88 8.85
CA TRP A 90 -10.05 7.26 9.29
C TRP A 90 -11.52 7.59 9.57
N PRO A 91 -12.43 7.20 8.66
CA PRO A 91 -13.87 7.46 8.80
C PRO A 91 -14.50 6.88 10.08
N ARG A 92 -13.86 5.88 10.68
CA ARG A 92 -14.33 5.27 11.93
C ARG A 92 -13.87 6.09 13.12
N ILE A 93 -12.77 6.81 12.97
CA ILE A 93 -12.24 7.62 14.05
C ILE A 93 -12.76 9.06 14.04
N MET A 94 -12.62 9.74 12.91
CA MET A 94 -13.10 11.12 12.76
C MET A 94 -14.29 11.15 11.79
N PRO A 95 -15.46 10.62 12.21
CA PRO A 95 -16.67 10.59 11.38
C PRO A 95 -17.16 11.97 10.96
N ALA A 96 -16.67 13.00 11.64
CA ALA A 96 -17.05 14.38 11.34
C ALA A 96 -16.01 15.35 11.90
N ALA A 97 -16.12 16.61 11.49
CA ALA A 97 -15.20 17.64 11.92
C ALA A 97 -14.96 17.65 13.44
N GLY A 98 -13.79 17.14 13.83
CA GLY A 98 -13.39 17.08 15.22
C GLY A 98 -14.42 16.51 16.18
N ILE A 99 -14.53 15.18 16.24
CA ILE A 99 -15.51 14.60 17.13
C ILE A 99 -14.98 13.42 17.90
N ILE A 100 -14.07 12.66 17.28
CA ILE A 100 -13.48 11.50 17.92
C ILE A 100 -14.51 10.44 18.31
N ASN A 101 -14.82 9.53 17.37
CA ASN A 101 -15.78 8.46 17.61
C ASN A 101 -15.15 7.35 18.48
N GLU A 102 -15.50 7.35 19.77
CA GLU A 102 -14.99 6.36 20.72
C GLU A 102 -15.30 4.92 20.28
N GLU A 103 -16.44 4.74 19.63
CA GLU A 103 -16.84 3.43 19.14
C GLU A 103 -15.87 2.89 18.10
N GLY A 104 -15.41 3.78 17.23
CA GLY A 104 -14.46 3.37 16.20
C GLY A 104 -13.14 2.98 16.86
N LEU A 105 -12.69 3.79 17.81
CA LEU A 105 -11.45 3.52 18.51
C LEU A 105 -11.51 2.19 19.25
N LEU A 106 -12.64 1.90 19.89
CA LEU A 106 -12.78 0.64 20.62
C LEU A 106 -12.63 -0.56 19.71
N PHE A 107 -13.09 -0.45 18.46
CA PHE A 107 -12.99 -1.55 17.51
C PHE A 107 -11.53 -1.98 17.31
N TYR A 108 -10.68 -1.00 17.03
CA TYR A 108 -9.27 -1.29 16.82
C TYR A 108 -8.60 -1.77 18.12
N GLU A 109 -9.05 -1.23 19.26
CA GLU A 109 -8.51 -1.63 20.56
C GLU A 109 -8.77 -3.13 20.75
N HIS A 110 -10.00 -3.56 20.46
CA HIS A 110 -10.35 -4.97 20.57
C HIS A 110 -9.55 -5.78 19.57
N LEU A 111 -9.37 -5.24 18.37
CA LEU A 111 -8.60 -5.95 17.35
C LEU A 111 -7.20 -6.20 17.92
N LEU A 112 -6.64 -5.17 18.56
CA LEU A 112 -5.32 -5.25 19.15
C LEU A 112 -5.28 -6.22 20.33
N ASP A 113 -6.40 -6.32 21.05
CA ASP A 113 -6.47 -7.23 22.19
C ASP A 113 -6.36 -8.64 21.66
N GLU A 114 -6.93 -8.86 20.48
CA GLU A 114 -6.90 -10.17 19.87
C GLU A 114 -5.50 -10.50 19.34
N ILE A 115 -4.88 -9.52 18.69
CA ILE A 115 -3.53 -9.67 18.13
C ILE A 115 -2.52 -9.99 19.25
N GLU A 116 -2.55 -9.22 20.32
CA GLU A 116 -1.61 -9.46 21.40
C GLU A 116 -1.92 -10.80 22.07
N LEU A 117 -3.18 -11.22 22.06
CA LEU A 117 -3.56 -12.48 22.66
C LEU A 117 -3.06 -13.69 21.89
N ALA A 118 -2.98 -13.55 20.57
CA ALA A 118 -2.52 -14.66 19.73
C ALA A 118 -1.00 -14.64 19.62
N GLY A 119 -0.39 -13.64 20.25
CA GLY A 119 1.05 -13.54 20.19
C GLY A 119 1.56 -13.00 18.88
N LEU A 120 0.85 -12.03 18.29
CA LEU A 120 1.32 -11.46 17.03
C LEU A 120 1.84 -10.05 17.24
N ILE A 121 2.70 -9.63 16.33
CA ILE A 121 3.31 -8.30 16.36
C ILE A 121 2.68 -7.47 15.25
N PRO A 122 1.90 -6.45 15.63
CA PRO A 122 1.22 -5.59 14.66
C PRO A 122 1.98 -4.40 14.08
N MET A 123 1.48 -3.93 12.94
CA MET A 123 1.99 -2.76 12.24
C MET A 123 0.72 -2.05 11.85
N LEU A 124 0.54 -0.85 12.38
CA LEU A 124 -0.62 -0.03 12.13
C LEU A 124 -0.30 0.97 11.03
N THR A 125 -1.13 0.93 9.98
CA THR A 125 -0.99 1.81 8.84
C THR A 125 -2.02 2.92 9.05
N LEU A 126 -1.55 4.15 9.17
CA LEU A 126 -2.41 5.29 9.40
C LEU A 126 -3.36 5.62 8.24
N TYR A 127 -2.84 5.73 7.02
CA TYR A 127 -3.73 6.05 5.91
C TYR A 127 -3.68 5.07 4.75
N HIS A 128 -4.81 4.41 4.46
CA HIS A 128 -4.85 3.48 3.35
C HIS A 128 -5.97 3.82 2.35
N TRP A 129 -5.95 5.09 1.94
CA TRP A 129 -6.84 5.64 0.91
C TRP A 129 -8.28 5.95 1.27
N ASP A 130 -8.74 5.51 2.43
CA ASP A 130 -10.14 5.78 2.80
C ASP A 130 -10.37 7.12 3.51
N LEU A 131 -10.08 8.22 2.82
CA LEU A 131 -10.25 9.57 3.36
C LEU A 131 -11.72 9.81 3.68
N PRO A 132 -12.01 10.41 4.86
CA PRO A 132 -13.41 10.67 5.19
C PRO A 132 -14.02 11.54 4.10
N GLN A 133 -15.26 11.26 3.75
CA GLN A 133 -15.92 12.03 2.72
C GLN A 133 -16.11 13.51 3.07
N TRP A 134 -16.41 13.80 4.33
CA TRP A 134 -16.64 15.19 4.69
C TRP A 134 -15.39 16.02 4.42
N ILE A 135 -14.24 15.39 4.55
CA ILE A 135 -12.97 16.06 4.29
C ILE A 135 -12.83 16.32 2.80
N GLU A 136 -13.26 15.37 1.97
CA GLU A 136 -13.19 15.56 0.53
C GLU A 136 -14.12 16.69 0.11
N ASP A 137 -15.19 16.93 0.87
CA ASP A 137 -16.12 18.01 0.55
C ASP A 137 -15.46 19.37 0.81
N GLU A 138 -14.51 19.41 1.74
CA GLU A 138 -13.80 20.63 2.06
C GLU A 138 -12.66 20.83 1.06
N GLY A 139 -12.54 19.92 0.09
CA GLY A 139 -11.48 20.04 -0.91
C GLY A 139 -10.54 18.84 -0.98
N GLY A 140 -10.60 17.98 0.04
CA GLY A 140 -9.78 16.79 0.08
C GLY A 140 -8.28 17.04 0.16
N TRP A 141 -7.50 16.14 -0.42
CA TRP A 141 -6.06 16.30 -0.37
C TRP A 141 -5.53 17.55 -1.10
N THR A 142 -6.41 18.31 -1.75
CA THR A 142 -5.93 19.52 -2.44
C THR A 142 -5.84 20.70 -1.48
N GLN A 143 -6.39 20.54 -0.27
CA GLN A 143 -6.37 21.61 0.73
C GLN A 143 -5.36 21.38 1.85
N ARG A 144 -4.48 22.35 2.06
CA ARG A 144 -3.47 22.27 3.12
C ARG A 144 -4.19 21.92 4.42
N GLU A 145 -5.38 22.51 4.59
CA GLU A 145 -6.17 22.30 5.79
C GLU A 145 -6.37 20.84 6.10
N THR A 146 -6.35 19.99 5.08
CA THR A 146 -6.54 18.57 5.31
C THR A 146 -5.43 18.00 6.17
N ILE A 147 -4.23 18.54 6.03
CA ILE A 147 -3.08 18.08 6.80
C ILE A 147 -3.31 18.27 8.28
N GLN A 148 -4.07 19.29 8.64
CA GLN A 148 -4.36 19.53 10.06
C GLN A 148 -5.35 18.47 10.55
N HIS A 149 -6.33 18.15 9.70
CA HIS A 149 -7.31 17.13 10.04
C HIS A 149 -6.54 15.82 10.26
N PHE A 150 -5.51 15.59 9.45
CA PHE A 150 -4.71 14.38 9.58
C PHE A 150 -3.91 14.42 10.87
N LYS A 151 -3.47 15.63 11.24
CA LYS A 151 -2.70 15.80 12.47
C LYS A 151 -3.58 15.39 13.64
N THR A 152 -4.85 15.76 13.56
CA THR A 152 -5.82 15.43 14.59
C THR A 152 -5.99 13.92 14.69
N TYR A 153 -6.18 13.30 13.53
CA TYR A 153 -6.37 11.85 13.43
C TYR A 153 -5.15 11.08 13.91
N ALA A 154 -3.98 11.36 13.33
CA ALA A 154 -2.77 10.64 13.71
C ALA A 154 -2.45 10.79 15.20
N SER A 155 -2.77 11.95 15.76
CA SER A 155 -2.49 12.20 17.17
C SER A 155 -3.37 11.31 18.07
N VAL A 156 -4.67 11.27 17.79
CA VAL A 156 -5.61 10.45 18.57
C VAL A 156 -5.20 8.99 18.65
N ILE A 157 -4.79 8.44 17.51
CA ILE A 157 -4.36 7.04 17.43
C ILE A 157 -3.07 6.82 18.20
N MET A 158 -2.12 7.73 18.05
CA MET A 158 -0.86 7.58 18.75
C MET A 158 -1.01 7.65 20.25
N ASP A 159 -1.92 8.50 20.73
CA ASP A 159 -2.14 8.62 22.17
C ASP A 159 -2.90 7.42 22.71
N ARG A 160 -3.99 7.07 22.03
CA ARG A 160 -4.82 5.94 22.44
C ARG A 160 -4.04 4.63 22.39
N PHE A 161 -3.08 4.57 21.47
CA PHE A 161 -2.27 3.38 21.32
C PHE A 161 -0.80 3.80 21.37
N GLY A 162 0.03 3.18 20.54
CA GLY A 162 1.43 3.57 20.52
C GLY A 162 2.26 2.83 21.56
N GLU A 163 1.74 2.71 22.77
CA GLU A 163 2.46 2.00 23.82
C GLU A 163 2.54 0.54 23.37
N ARG A 164 1.63 0.13 22.49
CA ARG A 164 1.64 -1.25 22.01
C ARG A 164 1.77 -1.41 20.50
N ILE A 165 2.19 -0.34 19.85
CA ILE A 165 2.40 -0.35 18.41
C ILE A 165 3.89 -0.33 18.19
N ASN A 166 4.43 -1.50 17.85
CA ASN A 166 5.87 -1.67 17.60
C ASN A 166 6.24 -1.10 16.24
N TRP A 167 5.31 -1.17 15.30
CA TRP A 167 5.59 -0.67 13.97
C TRP A 167 4.53 0.28 13.43
N TRP A 168 4.99 1.46 13.07
CA TRP A 168 4.13 2.51 12.54
C TRP A 168 4.37 2.66 11.04
N ASN A 169 3.30 2.50 10.27
CA ASN A 169 3.34 2.65 8.81
C ASN A 169 2.43 3.86 8.60
N THR A 170 3.02 4.97 8.14
CA THR A 170 2.31 6.23 7.93
C THR A 170 1.36 6.28 6.74
N ILE A 171 1.91 6.39 5.53
CA ILE A 171 1.10 6.46 4.31
C ILE A 171 1.39 5.27 3.42
N ASN A 172 0.33 4.62 2.92
CA ASN A 172 0.52 3.49 2.01
C ASN A 172 0.35 4.06 0.61
N GLU A 173 1.40 3.93 -0.21
CA GLU A 173 1.37 4.38 -1.60
C GLU A 173 0.85 5.79 -1.87
N PRO A 174 1.64 6.82 -1.50
CA PRO A 174 1.22 8.21 -1.73
C PRO A 174 0.85 8.42 -3.20
N TYR A 175 1.59 7.75 -4.08
CA TYR A 175 1.39 7.83 -5.51
C TYR A 175 -0.03 7.49 -5.94
N CYS A 176 -0.57 6.42 -5.40
CA CYS A 176 -1.93 6.04 -5.81
C CYS A 176 -2.99 7.05 -5.37
N ALA A 177 -2.95 7.46 -4.10
CA ALA A 177 -3.88 8.43 -3.58
C ALA A 177 -3.86 9.76 -4.36
N SER A 178 -2.67 10.18 -4.81
CA SER A 178 -2.55 11.45 -5.55
C SER A 178 -2.75 11.34 -7.07
N ILE A 179 -1.81 10.69 -7.76
CA ILE A 179 -1.89 10.55 -9.21
C ILE A 179 -3.16 9.83 -9.69
N LEU A 180 -3.51 8.69 -9.10
CA LEU A 180 -4.71 7.97 -9.52
C LEU A 180 -6.01 8.55 -8.97
N GLY A 181 -5.92 9.14 -7.77
CA GLY A 181 -7.12 9.70 -7.15
C GLY A 181 -7.59 11.04 -7.68
N TYR A 182 -6.65 11.93 -7.99
CA TYR A 182 -6.95 13.28 -8.48
C TYR A 182 -6.41 13.53 -9.90
N GLY A 183 -5.55 12.64 -10.39
CA GLY A 183 -4.97 12.83 -11.71
C GLY A 183 -5.62 12.09 -12.86
N THR A 184 -5.64 10.77 -12.78
CA THR A 184 -6.21 9.93 -13.82
C THR A 184 -7.69 9.60 -13.61
N GLY A 185 -8.19 9.84 -12.39
CA GLY A 185 -9.57 9.55 -12.08
C GLY A 185 -9.81 8.09 -11.80
N GLU A 186 -8.74 7.29 -11.78
CA GLU A 186 -8.90 5.85 -11.57
C GLU A 186 -9.16 5.37 -10.14
N HIS A 187 -8.83 6.20 -9.15
CA HIS A 187 -9.09 5.88 -7.75
C HIS A 187 -9.85 7.07 -7.17
N ALA A 188 -10.52 6.85 -6.05
CA ALA A 188 -11.29 7.89 -5.38
C ALA A 188 -10.33 9.02 -5.02
N PRO A 189 -10.82 10.27 -4.97
CA PRO A 189 -12.20 10.70 -5.23
C PRO A 189 -12.60 10.64 -6.70
N GLY A 190 -11.62 10.48 -7.58
CA GLY A 190 -11.94 10.40 -9.00
C GLY A 190 -11.76 11.65 -9.84
N HIS A 191 -10.92 12.60 -9.43
CA HIS A 191 -10.73 13.78 -10.24
C HIS A 191 -9.72 13.53 -11.37
N GLU A 192 -9.75 14.41 -12.38
CA GLU A 192 -8.84 14.33 -13.50
C GLU A 192 -8.21 15.70 -13.68
N ASN A 193 -7.34 16.09 -12.74
CA ASN A 193 -6.69 17.39 -12.78
C ASN A 193 -5.27 17.24 -12.26
N TRP A 194 -4.30 17.37 -13.16
CA TRP A 194 -2.89 17.23 -12.77
C TRP A 194 -2.44 18.22 -11.70
N ARG A 195 -2.89 19.46 -11.80
CA ARG A 195 -2.51 20.44 -10.79
C ARG A 195 -2.97 19.91 -9.42
N GLU A 196 -4.22 19.45 -9.34
CA GLU A 196 -4.72 18.92 -8.08
C GLU A 196 -3.94 17.67 -7.60
N ALA A 197 -3.58 16.78 -8.53
CA ALA A 197 -2.83 15.58 -8.21
C ALA A 197 -1.46 15.85 -7.57
N PHE A 198 -0.68 16.73 -8.17
CA PHE A 198 0.65 17.06 -7.64
C PHE A 198 0.52 17.78 -6.30
N THR A 199 -0.51 18.62 -6.17
CA THR A 199 -0.75 19.33 -4.92
C THR A 199 -1.11 18.31 -3.82
N ALA A 200 -1.88 17.31 -4.20
CA ALA A 200 -2.29 16.26 -3.27
C ALA A 200 -1.09 15.41 -2.86
N ALA A 201 -0.24 15.08 -3.83
CA ALA A 201 0.94 14.29 -3.51
C ALA A 201 1.81 15.05 -2.52
N HIS A 202 1.92 16.35 -2.70
CA HIS A 202 2.72 17.16 -1.77
C HIS A 202 2.09 17.08 -0.38
N HIS A 203 0.79 17.29 -0.31
CA HIS A 203 0.07 17.23 0.95
C HIS A 203 0.12 15.88 1.64
N ILE A 204 -0.03 14.80 0.87
CA ILE A 204 0.03 13.49 1.48
C ILE A 204 1.44 13.23 1.99
N LEU A 205 2.45 13.62 1.23
CA LEU A 205 3.82 13.42 1.69
C LEU A 205 4.04 14.20 2.99
N MET A 206 3.54 15.43 3.06
CA MET A 206 3.69 16.21 4.28
C MET A 206 3.11 15.47 5.47
N CYS A 207 1.98 14.79 5.28
CA CYS A 207 1.35 14.06 6.37
C CYS A 207 2.22 12.94 6.92
N HIS A 208 3.11 12.41 6.09
CA HIS A 208 4.02 11.40 6.58
C HIS A 208 4.94 12.12 7.55
N GLY A 209 5.41 13.30 7.14
CA GLY A 209 6.29 14.09 7.99
C GLY A 209 5.57 14.56 9.24
N ILE A 210 4.27 14.83 9.10
CA ILE A 210 3.48 15.28 10.23
C ILE A 210 3.42 14.17 11.25
N ALA A 211 3.03 13.00 10.79
CA ALA A 211 2.94 11.83 11.66
C ALA A 211 4.31 11.53 12.26
N SER A 212 5.37 11.83 11.52
CA SER A 212 6.75 11.60 11.99
C SER A 212 7.09 12.56 13.13
N ASN A 213 6.61 13.79 13.05
CA ASN A 213 6.86 14.75 14.11
C ASN A 213 6.04 14.37 15.35
N LEU A 214 4.81 13.93 15.14
CA LEU A 214 3.95 13.53 16.25
C LEU A 214 4.54 12.33 16.96
N HIS A 215 5.25 11.51 16.20
CA HIS A 215 5.87 10.30 16.72
C HIS A 215 7.04 10.63 17.64
N LYS A 216 7.83 11.60 17.23
CA LYS A 216 9.00 12.04 18.00
C LYS A 216 8.54 12.90 19.17
N GLU A 217 7.61 13.80 18.93
CA GLU A 217 7.10 14.67 20.00
C GLU A 217 6.44 13.87 21.11
N LYS A 218 6.03 12.65 20.83
CA LYS A 218 5.38 11.85 21.86
C LYS A 218 6.36 10.88 22.51
N GLY A 219 7.52 10.68 21.88
CA GLY A 219 8.50 9.78 22.43
C GLY A 219 8.17 8.31 22.25
N LEU A 220 7.34 7.98 21.27
CA LEU A 220 6.98 6.58 21.03
C LEU A 220 8.21 5.79 20.65
N THR A 221 8.24 4.50 20.97
CA THR A 221 9.40 3.66 20.66
C THR A 221 9.24 2.76 19.46
N GLY A 222 8.03 2.70 18.89
CA GLY A 222 7.80 1.87 17.75
C GLY A 222 8.46 2.41 16.50
N LYS A 223 9.03 1.50 15.69
CA LYS A 223 9.68 1.88 14.44
C LYS A 223 8.63 2.52 13.55
N ILE A 224 9.04 3.54 12.80
CA ILE A 224 8.10 4.23 11.94
C ILE A 224 8.66 4.37 10.53
N GLY A 225 7.76 4.54 9.57
CA GLY A 225 8.20 4.67 8.20
C GLY A 225 7.04 4.71 7.25
N ILE A 226 7.29 5.26 6.06
CA ILE A 226 6.27 5.36 5.04
C ILE A 226 6.42 4.17 4.09
N THR A 227 5.35 3.85 3.34
CA THR A 227 5.39 2.78 2.36
C THR A 227 5.18 3.37 0.97
N LEU A 228 6.09 3.10 0.05
CA LEU A 228 5.96 3.60 -1.31
C LEU A 228 5.84 2.45 -2.28
N ASN A 229 4.88 2.50 -3.18
CA ASN A 229 4.83 1.44 -4.16
C ASN A 229 5.91 1.87 -5.15
N MET A 230 6.64 0.90 -5.69
CA MET A 230 7.67 1.19 -6.66
C MET A 230 7.65 0.09 -7.70
N GLU A 231 8.11 0.40 -8.90
CA GLU A 231 8.15 -0.58 -9.98
C GLU A 231 9.41 -0.41 -10.79
N HIS A 232 9.95 -1.52 -11.28
CA HIS A 232 11.15 -1.44 -12.09
C HIS A 232 10.70 -1.06 -13.51
N VAL A 233 11.43 -0.14 -14.14
CA VAL A 233 11.07 0.32 -15.47
C VAL A 233 12.11 -0.03 -16.54
N ASP A 234 11.66 -0.69 -17.60
CA ASP A 234 12.54 -1.05 -18.71
C ASP A 234 12.07 -0.34 -19.97
N ALA A 235 13.02 0.04 -20.82
CA ALA A 235 12.71 0.71 -22.08
C ALA A 235 12.28 -0.37 -23.06
N ALA A 236 11.28 -0.08 -23.88
CA ALA A 236 10.78 -1.08 -24.85
C ALA A 236 11.81 -1.40 -25.93
N SER A 237 12.75 -0.49 -26.14
CA SER A 237 13.82 -0.68 -27.12
C SER A 237 14.98 0.27 -26.83
N GLU A 238 16.08 0.08 -27.57
CA GLU A 238 17.24 0.93 -27.39
C GLU A 238 17.01 2.32 -27.98
N ARG A 239 15.87 2.53 -28.63
CA ARG A 239 15.59 3.84 -29.22
C ARG A 239 15.66 4.92 -28.15
N PRO A 240 16.37 6.01 -28.44
CA PRO A 240 16.57 7.16 -27.55
C PRO A 240 15.30 7.66 -26.88
N GLU A 241 14.27 7.94 -27.68
CA GLU A 241 13.01 8.43 -27.13
C GLU A 241 12.34 7.41 -26.22
N ASP A 242 12.64 6.12 -26.40
CA ASP A 242 12.05 5.09 -25.54
C ASP A 242 12.77 5.08 -24.21
N VAL A 243 14.08 5.28 -24.28
CA VAL A 243 14.89 5.32 -23.08
C VAL A 243 14.43 6.55 -22.27
N ALA A 244 14.25 7.68 -22.96
CA ALA A 244 13.78 8.89 -22.30
C ALA A 244 12.39 8.61 -21.73
N ALA A 245 11.54 8.00 -22.53
CA ALA A 245 10.20 7.66 -22.10
C ALA A 245 10.27 6.92 -20.75
N ALA A 246 11.11 5.90 -20.70
CA ALA A 246 11.25 5.10 -19.49
C ALA A 246 11.78 5.87 -18.27
N ILE A 247 12.64 6.87 -18.51
CA ILE A 247 13.18 7.70 -17.44
C ILE A 247 12.01 8.47 -16.83
N ARG A 248 11.15 8.95 -17.71
CA ARG A 248 9.96 9.71 -17.32
C ARG A 248 8.99 8.88 -16.46
N ARG A 249 8.75 7.64 -16.83
CA ARG A 249 7.86 6.77 -16.05
C ARG A 249 8.47 6.56 -14.68
N ASP A 250 9.77 6.27 -14.64
CA ASP A 250 10.46 6.05 -13.37
C ASP A 250 10.36 7.28 -12.47
N GLY A 251 10.48 8.48 -13.03
CA GLY A 251 10.39 9.68 -12.22
C GLY A 251 8.96 9.91 -11.72
N PHE A 252 8.01 9.55 -12.58
CA PHE A 252 6.58 9.68 -12.32
C PHE A 252 6.11 8.90 -11.11
N ILE A 253 6.43 7.60 -11.07
CA ILE A 253 6.01 6.74 -9.96
C ILE A 253 7.01 6.61 -8.80
N ASN A 254 8.28 6.47 -9.13
CA ASN A 254 9.31 6.26 -8.13
C ASN A 254 9.95 7.52 -7.52
N ARG A 255 10.78 8.17 -8.32
CA ARG A 255 11.52 9.36 -7.92
C ARG A 255 10.70 10.56 -7.42
N TRP A 256 9.49 10.75 -7.93
CA TRP A 256 8.69 11.88 -7.47
C TRP A 256 8.35 11.83 -5.99
N PHE A 257 8.33 10.61 -5.44
CA PHE A 257 8.00 10.39 -4.03
C PHE A 257 9.21 10.03 -3.19
N ALA A 258 10.10 9.23 -3.76
CA ALA A 258 11.29 8.82 -3.06
C ALA A 258 12.31 9.94 -2.90
N GLU A 259 12.46 10.77 -3.92
CA GLU A 259 13.42 11.87 -3.89
C GLU A 259 13.19 12.78 -2.66
N PRO A 260 11.97 13.32 -2.50
CA PRO A 260 11.62 14.19 -1.37
C PRO A 260 11.81 13.49 -0.01
N LEU A 261 11.43 12.22 0.03
CA LEU A 261 11.53 11.45 1.25
C LEU A 261 12.98 11.29 1.75
N PHE A 262 13.92 11.05 0.84
CA PHE A 262 15.33 10.87 1.19
C PHE A 262 16.24 12.06 0.90
N ASN A 263 16.00 12.74 -0.22
CA ASN A 263 16.83 13.87 -0.63
C ASN A 263 16.26 15.25 -0.37
N GLY A 264 15.00 15.33 0.05
CA GLY A 264 14.40 16.61 0.32
C GLY A 264 14.10 17.47 -0.90
N LYS A 265 13.81 16.83 -2.04
CA LYS A 265 13.52 17.58 -3.26
C LYS A 265 12.78 16.77 -4.32
N TYR A 266 12.15 17.47 -5.26
CA TYR A 266 11.44 16.80 -6.34
C TYR A 266 12.39 16.65 -7.53
N PRO A 267 12.24 15.55 -8.30
CA PRO A 267 13.11 15.33 -9.48
C PRO A 267 13.07 16.55 -10.40
N GLU A 268 14.24 17.16 -10.63
CA GLU A 268 14.33 18.35 -11.47
C GLU A 268 13.75 18.12 -12.88
N ASP A 269 14.06 16.98 -13.48
CA ASP A 269 13.57 16.65 -14.81
C ASP A 269 12.05 16.59 -14.85
N MET A 270 11.46 15.90 -13.88
CA MET A 270 10.01 15.78 -13.81
C MET A 270 9.36 17.14 -13.53
N VAL A 271 10.00 17.95 -12.70
CA VAL A 271 9.49 19.29 -12.38
C VAL A 271 9.45 20.12 -13.65
N GLU A 272 10.45 19.93 -14.50
CA GLU A 272 10.52 20.67 -15.75
C GLU A 272 9.52 20.08 -16.73
N TRP A 273 9.26 18.78 -16.62
CA TRP A 273 8.32 18.15 -17.52
C TRP A 273 6.87 18.51 -17.24
N TYR A 274 6.50 18.66 -15.96
CA TYR A 274 5.13 18.99 -15.61
C TYR A 274 4.79 20.45 -15.85
N GLY A 275 5.81 21.21 -16.23
CA GLY A 275 5.67 22.63 -16.52
C GLY A 275 4.58 23.42 -15.80
N THR A 276 3.62 23.89 -16.59
CA THR A 276 2.53 24.72 -16.09
C THR A 276 1.69 24.03 -15.01
N TYR A 277 1.60 22.70 -15.05
CA TYR A 277 0.82 21.98 -14.05
C TYR A 277 1.30 22.19 -12.62
N LEU A 278 2.57 22.57 -12.44
CA LEU A 278 3.10 22.79 -11.09
C LEU A 278 2.89 24.23 -10.64
N ASN A 279 2.47 25.06 -11.60
CA ASN A 279 2.20 26.47 -11.36
C ASN A 279 3.28 27.14 -10.53
N GLY A 280 4.54 26.78 -10.81
CA GLY A 280 5.64 27.37 -10.08
C GLY A 280 5.88 26.75 -8.72
N LEU A 281 5.37 25.55 -8.51
CA LEU A 281 5.55 24.86 -7.24
C LEU A 281 5.04 25.70 -6.08
N ASP A 282 4.00 26.48 -6.35
CA ASP A 282 3.42 27.38 -5.34
C ASP A 282 2.91 26.69 -4.09
N PHE A 283 2.35 25.50 -4.25
CA PHE A 283 1.82 24.76 -3.10
C PHE A 283 2.93 24.39 -2.12
N VAL A 284 4.18 24.57 -2.54
CA VAL A 284 5.32 24.27 -1.66
C VAL A 284 5.60 25.48 -0.80
N GLN A 285 5.47 25.33 0.51
CA GLN A 285 5.72 26.42 1.44
C GLN A 285 7.02 26.16 2.21
N PRO A 286 7.64 27.22 2.73
CA PRO A 286 8.89 27.07 3.49
C PRO A 286 8.75 26.01 4.57
N GLY A 287 9.75 25.15 4.69
CA GLY A 287 9.70 24.10 5.70
C GLY A 287 9.14 22.77 5.21
N ASP A 288 8.20 22.83 4.26
CA ASP A 288 7.55 21.65 3.70
C ASP A 288 8.50 20.49 3.36
N MET A 289 9.45 20.75 2.46
CA MET A 289 10.39 19.71 2.05
C MET A 289 11.11 19.11 3.26
N GLU A 290 11.52 19.98 4.19
CA GLU A 290 12.20 19.55 5.40
C GLU A 290 11.25 18.64 6.18
N LEU A 291 9.96 18.99 6.17
CA LEU A 291 8.96 18.18 6.87
C LEU A 291 8.82 16.79 6.23
N ILE A 292 8.79 16.75 4.90
CA ILE A 292 8.67 15.51 4.12
C ILE A 292 9.90 14.59 4.18
N GLN A 293 11.10 15.16 4.11
CA GLN A 293 12.34 14.39 4.13
C GLN A 293 12.67 13.79 5.50
N GLN A 294 11.96 12.72 5.86
CA GLN A 294 12.17 12.03 7.12
C GLN A 294 12.02 10.53 6.91
N PRO A 295 13.07 9.88 6.40
CA PRO A 295 13.04 8.44 6.15
C PRO A 295 12.51 7.58 7.30
N GLY A 296 12.98 7.85 8.52
CA GLY A 296 12.53 7.07 9.65
C GLY A 296 13.40 5.85 9.90
N ASP A 297 12.82 4.78 10.43
CA ASP A 297 13.57 3.56 10.74
C ASP A 297 13.53 2.50 9.66
N PHE A 298 12.64 2.66 8.69
CA PHE A 298 12.55 1.69 7.62
C PHE A 298 11.76 2.23 6.44
N LEU A 299 12.05 1.68 5.27
CA LEU A 299 11.36 2.06 4.07
C LEU A 299 10.47 0.88 3.68
N GLY A 300 9.16 1.13 3.70
CA GLY A 300 8.23 0.08 3.32
C GLY A 300 8.09 0.13 1.82
N ILE A 301 8.06 -1.02 1.17
CA ILE A 301 7.93 -1.09 -0.27
C ILE A 301 6.87 -2.10 -0.70
N ASN A 302 6.08 -1.74 -1.70
CA ASN A 302 5.06 -2.64 -2.27
C ASN A 302 5.48 -2.83 -3.72
N TYR A 303 5.54 -4.09 -4.17
CA TYR A 303 5.94 -4.42 -5.54
C TYR A 303 5.09 -5.55 -6.09
N TYR A 304 4.73 -5.44 -7.36
CA TYR A 304 3.93 -6.46 -8.02
C TYR A 304 4.49 -6.79 -9.38
N THR A 305 4.93 -5.76 -10.09
CA THR A 305 5.43 -5.99 -11.44
C THR A 305 6.33 -4.85 -11.93
N ARG A 306 6.72 -4.92 -13.20
CA ARG A 306 7.59 -3.93 -13.80
C ARG A 306 6.86 -3.38 -15.01
N SER A 307 7.40 -2.33 -15.61
CA SER A 307 6.77 -1.78 -16.79
C SER A 307 7.79 -1.71 -17.92
N ILE A 308 7.29 -1.85 -19.15
CA ILE A 308 8.13 -1.77 -20.33
C ILE A 308 7.55 -0.57 -21.05
N ILE A 309 8.34 0.49 -21.16
CA ILE A 309 7.87 1.74 -21.73
C ILE A 309 8.44 2.15 -23.09
N ARG A 310 7.60 2.78 -23.91
CA ARG A 310 8.03 3.31 -25.20
C ARG A 310 7.40 4.69 -25.27
N SER A 311 7.94 5.58 -26.10
CA SER A 311 7.37 6.91 -26.14
C SER A 311 6.27 7.03 -27.18
N THR A 312 5.51 8.11 -27.05
CA THR A 312 4.41 8.46 -27.94
C THR A 312 4.40 9.98 -27.95
N ASN A 313 3.55 10.56 -28.79
CA ASN A 313 3.48 12.01 -28.87
C ASN A 313 2.03 12.41 -28.69
N ASP A 314 1.34 11.65 -27.84
CA ASP A 314 -0.07 11.83 -27.53
C ASP A 314 -0.34 12.96 -26.55
N ALA A 315 -1.59 13.03 -26.12
CA ALA A 315 -2.09 14.05 -25.20
C ALA A 315 -1.94 13.74 -23.72
N SER A 316 -1.49 12.53 -23.39
CA SER A 316 -1.32 12.16 -21.98
C SER A 316 -0.23 12.99 -21.31
N LEU A 317 -0.24 13.00 -19.98
CA LEU A 317 0.71 13.75 -19.18
C LEU A 317 2.17 13.40 -19.51
N LEU A 318 2.53 12.12 -19.43
CA LEU A 318 3.91 11.72 -19.73
C LEU A 318 4.22 11.36 -21.18
N GLN A 319 3.20 11.33 -22.03
CA GLN A 319 3.36 10.97 -23.43
C GLN A 319 4.18 9.69 -23.51
N VAL A 320 3.73 8.70 -22.76
CA VAL A 320 4.39 7.42 -22.69
C VAL A 320 3.38 6.30 -22.99
N GLU A 321 3.86 5.12 -23.36
CA GLU A 321 3.00 3.99 -23.67
C GLU A 321 3.59 2.74 -23.05
N GLN A 322 2.76 2.00 -22.31
CA GLN A 322 3.21 0.78 -21.67
C GLN A 322 3.02 -0.41 -22.60
N VAL A 323 4.08 -1.20 -22.70
CA VAL A 323 4.08 -2.39 -23.53
C VAL A 323 3.49 -3.50 -22.68
N HIS A 324 2.31 -3.94 -23.06
CA HIS A 324 1.63 -4.99 -22.32
C HIS A 324 2.13 -6.38 -22.69
N MET A 325 2.92 -6.95 -21.80
CA MET A 325 3.47 -8.28 -21.99
C MET A 325 2.39 -9.30 -21.70
N GLU A 326 2.16 -10.23 -22.62
CA GLU A 326 1.15 -11.25 -22.39
C GLU A 326 1.79 -12.44 -21.70
N GLU A 327 3.12 -12.42 -21.63
CA GLU A 327 3.92 -13.48 -21.00
C GLU A 327 3.32 -13.88 -19.65
N PRO A 328 4.07 -14.62 -18.82
CA PRO A 328 3.45 -14.98 -17.54
C PRO A 328 2.85 -13.74 -16.92
N VAL A 329 1.54 -13.79 -16.68
CA VAL A 329 0.85 -12.67 -16.07
C VAL A 329 -0.15 -13.23 -15.08
N THR A 330 -0.59 -12.37 -14.17
CA THR A 330 -1.59 -12.71 -13.16
C THR A 330 -2.94 -12.53 -13.84
N ASP A 331 -4.00 -12.76 -13.08
CA ASP A 331 -5.36 -12.60 -13.55
C ASP A 331 -5.74 -11.14 -13.81
N MET A 332 -4.82 -10.24 -13.50
CA MET A 332 -5.02 -8.81 -13.70
C MET A 332 -4.24 -8.32 -14.90
N GLY A 333 -3.61 -9.24 -15.62
CA GLY A 333 -2.82 -8.86 -16.77
C GLY A 333 -1.44 -8.38 -16.36
N TRP A 334 -1.10 -8.49 -15.07
CA TRP A 334 0.21 -8.06 -14.61
C TRP A 334 1.27 -9.14 -14.88
N GLU A 335 2.34 -8.75 -15.58
CA GLU A 335 3.45 -9.64 -15.91
C GLU A 335 4.18 -10.11 -14.67
N ILE A 336 4.55 -11.39 -14.65
CA ILE A 336 5.29 -11.92 -13.51
C ILE A 336 6.78 -11.93 -13.86
N HIS A 337 7.53 -10.93 -13.37
CA HIS A 337 8.97 -10.83 -13.66
C HIS A 337 9.76 -10.64 -12.36
N PRO A 338 9.97 -11.72 -11.59
CA PRO A 338 10.71 -11.65 -10.33
C PRO A 338 12.10 -11.01 -10.43
N GLU A 339 12.77 -11.20 -11.57
CA GLU A 339 14.09 -10.60 -11.77
C GLU A 339 14.03 -9.09 -11.56
N SER A 340 12.98 -8.46 -12.07
CA SER A 340 12.83 -7.01 -11.93
C SER A 340 12.74 -6.63 -10.44
N PHE A 341 12.17 -7.50 -9.62
CA PHE A 341 12.04 -7.23 -8.19
C PHE A 341 13.44 -7.11 -7.57
N TYR A 342 14.32 -8.02 -7.94
CA TYR A 342 15.70 -8.02 -7.46
C TYR A 342 16.41 -6.72 -7.88
N LYS A 343 16.24 -6.35 -9.15
CA LYS A 343 16.84 -5.14 -9.69
C LYS A 343 16.26 -3.91 -9.01
N LEU A 344 14.96 -3.91 -8.76
CA LEU A 344 14.34 -2.76 -8.10
C LEU A 344 14.96 -2.56 -6.70
N LEU A 345 15.00 -3.63 -5.91
CA LEU A 345 15.56 -3.59 -4.56
C LEU A 345 17.02 -3.13 -4.52
N THR A 346 17.82 -3.63 -5.46
CA THR A 346 19.22 -3.25 -5.56
C THR A 346 19.29 -1.75 -5.83
N ARG A 347 18.46 -1.29 -6.76
CA ARG A 347 18.40 0.12 -7.14
C ARG A 347 18.01 0.99 -5.97
N ILE A 348 17.02 0.51 -5.21
CA ILE A 348 16.52 1.23 -4.06
C ILE A 348 17.59 1.47 -3.02
N GLU A 349 18.38 0.45 -2.73
CA GLU A 349 19.46 0.60 -1.75
C GLU A 349 20.51 1.57 -2.30
N LYS A 350 20.87 1.43 -3.57
CA LYS A 350 21.86 2.31 -4.19
C LYS A 350 21.47 3.77 -3.97
N ASP A 351 20.26 4.16 -4.34
CA ASP A 351 19.86 5.56 -4.12
C ASP A 351 18.94 5.57 -2.91
N PHE A 352 18.50 6.74 -2.50
CA PHE A 352 17.58 6.83 -1.37
C PHE A 352 17.97 6.01 -0.13
N SER A 353 17.56 4.75 -0.13
CA SER A 353 17.77 3.81 0.98
C SER A 353 19.17 3.74 1.58
N LYS A 354 20.16 3.48 0.74
CA LYS A 354 21.55 3.39 1.14
C LYS A 354 21.77 2.85 2.57
N GLY A 355 21.30 1.63 2.84
CA GLY A 355 21.49 1.05 4.15
C GLY A 355 20.29 0.86 5.07
N LEU A 356 19.37 1.82 5.05
CA LEU A 356 18.19 1.75 5.92
C LEU A 356 17.42 0.43 5.77
N PRO A 357 16.84 -0.07 6.87
CA PRO A 357 16.08 -1.32 6.80
C PRO A 357 14.93 -1.22 5.80
N ILE A 358 14.88 -2.17 4.88
CA ILE A 358 13.83 -2.22 3.86
C ILE A 358 12.81 -3.28 4.27
N LEU A 359 11.54 -2.98 4.07
CA LEU A 359 10.48 -3.91 4.40
C LEU A 359 9.46 -3.92 3.27
N ILE A 360 9.14 -5.11 2.79
CA ILE A 360 8.16 -5.25 1.74
C ILE A 360 6.85 -5.42 2.46
N THR A 361 6.07 -4.35 2.47
CA THR A 361 4.80 -4.36 3.15
C THR A 361 3.70 -5.02 2.31
N GLU A 362 3.92 -5.11 0.99
CA GLU A 362 2.97 -5.78 0.12
C GLU A 362 3.62 -6.36 -1.13
N ASN A 363 3.24 -7.61 -1.42
CA ASN A 363 3.70 -8.33 -2.59
C ASN A 363 2.81 -9.56 -2.68
N GLY A 364 2.34 -9.86 -3.89
CA GLY A 364 1.45 -10.98 -4.09
C GLY A 364 0.86 -10.97 -5.49
N ALA A 365 -0.13 -11.83 -5.73
CA ALA A 365 -0.75 -11.89 -7.06
C ALA A 365 -2.20 -12.38 -7.04
N ALA A 366 -2.96 -11.94 -8.05
CA ALA A 366 -4.34 -12.36 -8.16
C ALA A 366 -4.41 -13.37 -9.30
N MET A 367 -4.71 -14.61 -8.95
CA MET A 367 -4.82 -15.69 -9.93
C MET A 367 -6.25 -16.19 -9.87
N ARG A 368 -6.71 -16.78 -10.96
CA ARG A 368 -8.07 -17.32 -10.99
C ARG A 368 -8.14 -18.52 -10.06
N ASP A 369 -8.95 -18.43 -9.01
CA ASP A 369 -9.06 -19.53 -8.06
C ASP A 369 -10.24 -20.44 -8.38
N GLU A 370 -10.12 -21.70 -7.96
CA GLU A 370 -11.17 -22.67 -8.18
C GLU A 370 -11.16 -23.63 -6.99
N LEU A 371 -12.32 -23.86 -6.38
CA LEU A 371 -12.38 -24.78 -5.24
C LEU A 371 -12.66 -26.20 -5.64
N VAL A 372 -11.77 -27.08 -5.26
CA VAL A 372 -11.91 -28.50 -5.57
C VAL A 372 -11.70 -29.29 -4.30
N ASN A 373 -12.62 -30.17 -3.98
CA ASN A 373 -12.51 -31.00 -2.79
C ASN A 373 -12.22 -30.18 -1.55
N GLY A 374 -12.85 -29.02 -1.45
CA GLY A 374 -12.65 -28.17 -0.30
C GLY A 374 -11.27 -27.55 -0.18
N GLN A 375 -10.52 -27.49 -1.26
CA GLN A 375 -9.20 -26.88 -1.20
C GLN A 375 -8.94 -26.01 -2.44
N ILE A 376 -7.98 -25.08 -2.33
CA ILE A 376 -7.65 -24.20 -3.44
C ILE A 376 -6.19 -24.42 -3.87
N GLU A 377 -6.01 -25.13 -4.98
CA GLU A 377 -4.70 -25.47 -5.53
C GLU A 377 -4.19 -24.34 -6.41
N ASP A 378 -3.88 -23.22 -5.75
CA ASP A 378 -3.38 -22.04 -6.44
C ASP A 378 -1.87 -22.09 -6.68
N THR A 379 -1.48 -23.05 -7.51
CA THR A 379 -0.08 -23.27 -7.89
C THR A 379 0.50 -21.95 -8.44
N GLY A 380 -0.30 -21.22 -9.19
CA GLY A 380 0.15 -19.97 -9.76
C GLY A 380 0.58 -18.93 -8.72
N ARG A 381 -0.34 -18.59 -7.80
CA ARG A 381 -0.05 -17.59 -6.81
C ARG A 381 1.12 -18.05 -6.02
N GLN A 382 1.38 -19.29 -6.23
CA GLN A 382 2.49 -19.86 -5.56
C GLN A 382 3.76 -19.64 -6.37
N ARG A 383 3.75 -20.00 -7.65
CA ARG A 383 4.95 -19.85 -8.46
C ARG A 383 5.42 -18.39 -8.50
N TYR A 384 4.29 -17.73 -7.78
CA TYR A 384 4.60 -16.31 -7.84
C TYR A 384 5.31 -15.80 -6.58
N ILE A 385 4.79 -16.20 -5.42
CA ILE A 385 5.37 -15.77 -4.17
C ILE A 385 6.75 -16.37 -3.97
N GLU A 386 6.89 -17.64 -4.31
CA GLU A 386 8.15 -18.32 -4.16
C GLU A 386 9.25 -17.62 -4.96
N GLU A 387 9.00 -17.43 -6.25
CA GLU A 387 9.99 -16.80 -7.13
C GLU A 387 10.36 -15.38 -6.70
N HIS A 388 9.41 -14.61 -6.19
CA HIS A 388 9.74 -13.27 -5.75
C HIS A 388 10.55 -13.30 -4.47
N LEU A 389 10.34 -14.33 -3.66
CA LEU A 389 11.10 -14.48 -2.42
C LEU A 389 12.53 -14.88 -2.73
N LYS A 390 12.73 -15.54 -3.86
CA LYS A 390 14.08 -15.93 -4.28
C LYS A 390 14.80 -14.65 -4.66
N ALA A 391 14.04 -13.73 -5.25
CA ALA A 391 14.60 -12.46 -5.66
C ALA A 391 14.98 -11.67 -4.41
N CYS A 392 14.17 -11.79 -3.37
CA CYS A 392 14.47 -11.11 -2.11
C CYS A 392 15.70 -11.77 -1.47
N HIS A 393 15.78 -13.10 -1.57
CA HIS A 393 16.92 -13.83 -0.99
C HIS A 393 18.24 -13.48 -1.65
N ARG A 394 18.20 -13.31 -2.96
CA ARG A 394 19.38 -12.94 -3.71
C ARG A 394 19.79 -11.51 -3.36
N PHE A 395 18.82 -10.64 -3.06
CA PHE A 395 19.08 -9.24 -2.67
C PHE A 395 19.84 -9.29 -1.35
N ILE A 396 19.41 -10.17 -0.48
CA ILE A 396 20.11 -10.36 0.77
C ILE A 396 21.19 -11.28 0.23
N GLU A 397 22.03 -11.88 1.07
CA GLU A 397 23.07 -12.76 0.55
C GLU A 397 24.10 -11.94 -0.24
N GLU A 398 23.67 -10.78 -0.73
CA GLU A 398 24.51 -9.86 -1.49
C GLU A 398 24.68 -8.56 -0.73
N GLY A 399 24.18 -8.53 0.50
CA GLY A 399 24.29 -7.36 1.33
C GLY A 399 23.03 -6.54 1.55
N GLY A 400 21.99 -6.79 0.75
CA GLY A 400 20.76 -6.02 0.90
C GLY A 400 20.16 -5.97 2.30
N GLN A 401 19.61 -4.82 2.66
CA GLN A 401 19.02 -4.66 3.98
C GLN A 401 17.52 -4.98 4.06
N LEU A 402 17.11 -6.13 3.54
CA LEU A 402 15.71 -6.51 3.59
C LEU A 402 15.49 -7.14 4.96
N LYS A 403 14.67 -6.50 5.77
CA LYS A 403 14.41 -7.00 7.12
C LYS A 403 13.12 -7.77 7.28
N GLY A 404 12.25 -7.71 6.27
CA GLY A 404 10.99 -8.43 6.36
C GLY A 404 10.17 -8.52 5.09
N TYR A 405 9.09 -9.29 5.16
CA TYR A 405 8.22 -9.51 4.02
C TYR A 405 6.76 -9.81 4.42
N PHE A 406 5.83 -9.05 3.87
CA PHE A 406 4.42 -9.23 4.17
C PHE A 406 3.68 -9.63 2.90
N VAL A 407 3.07 -10.80 2.91
CA VAL A 407 2.34 -11.23 1.72
C VAL A 407 1.06 -10.43 1.61
N TRP A 408 0.87 -9.75 0.48
CA TRP A 408 -0.32 -8.95 0.36
C TRP A 408 -1.60 -9.73 0.23
N SER A 409 -2.50 -9.34 1.12
CA SER A 409 -3.82 -9.90 1.22
C SER A 409 -3.83 -11.26 1.86
N PHE A 410 -4.24 -11.26 3.11
CA PHE A 410 -4.38 -12.47 3.89
C PHE A 410 -5.66 -13.09 3.36
N LEU A 411 -6.63 -12.23 3.05
CA LEU A 411 -7.95 -12.63 2.56
C LEU A 411 -8.28 -12.03 1.18
N ASP A 412 -9.19 -12.66 0.45
CA ASP A 412 -9.59 -12.11 -0.85
C ASP A 412 -10.36 -10.87 -0.43
N ASN A 413 -10.30 -9.79 -1.21
CA ASN A 413 -11.03 -8.62 -0.76
C ASN A 413 -11.50 -7.69 -1.88
N PHE A 414 -11.96 -6.51 -1.49
CA PHE A 414 -12.40 -5.53 -2.47
C PHE A 414 -11.12 -4.96 -3.07
N GLU A 415 -10.80 -5.40 -4.28
CA GLU A 415 -9.61 -4.95 -4.99
C GLU A 415 -9.81 -3.64 -5.72
N TRP A 416 -10.19 -2.62 -4.96
CA TRP A 416 -10.39 -1.29 -5.49
C TRP A 416 -11.19 -1.29 -6.81
N ALA A 417 -10.66 -0.61 -7.83
CA ALA A 417 -11.31 -0.51 -9.13
C ALA A 417 -11.73 -1.83 -9.76
N TRP A 418 -11.06 -2.91 -9.38
CA TRP A 418 -11.39 -4.22 -9.92
C TRP A 418 -12.52 -4.86 -9.14
N GLY A 419 -12.85 -4.27 -8.00
CA GLY A 419 -13.92 -4.80 -7.18
C GLY A 419 -13.58 -6.18 -6.62
N TYR A 420 -14.57 -7.06 -6.57
CA TYR A 420 -14.32 -8.38 -6.02
C TYR A 420 -13.84 -9.40 -7.08
N SER A 421 -13.85 -9.00 -8.36
CA SER A 421 -13.44 -9.92 -9.43
C SER A 421 -12.01 -10.42 -9.31
N LYS A 422 -11.17 -9.73 -8.55
CA LYS A 422 -9.78 -10.18 -8.39
C LYS A 422 -9.54 -10.64 -6.96
N ARG A 423 -8.90 -11.81 -6.82
CA ARG A 423 -8.62 -12.40 -5.53
C ARG A 423 -7.11 -12.46 -5.24
N PHE A 424 -6.68 -11.62 -4.29
CA PHE A 424 -5.28 -11.54 -3.89
C PHE A 424 -4.96 -12.31 -2.61
N GLY A 425 -5.99 -12.86 -1.97
CA GLY A 425 -5.76 -13.55 -0.72
C GLY A 425 -5.05 -14.90 -0.74
N ILE A 426 -4.49 -15.27 0.40
CA ILE A 426 -3.87 -16.59 0.47
C ILE A 426 -4.91 -17.42 1.22
N VAL A 427 -5.98 -16.75 1.63
CA VAL A 427 -7.10 -17.39 2.30
C VAL A 427 -8.31 -17.05 1.46
N HIS A 428 -9.03 -18.07 1.02
CA HIS A 428 -10.20 -17.87 0.19
C HIS A 428 -11.42 -17.38 0.95
N ILE A 429 -12.12 -16.40 0.42
CA ILE A 429 -13.32 -15.93 1.07
C ILE A 429 -14.53 -16.34 0.23
N ASN A 430 -15.46 -17.04 0.85
CA ASN A 430 -16.69 -17.43 0.17
C ASN A 430 -17.59 -16.23 0.49
N TYR A 431 -17.91 -15.40 -0.52
CA TYR A 431 -18.72 -14.19 -0.29
C TYR A 431 -20.19 -14.46 -0.02
N GLU A 432 -20.64 -15.67 -0.34
CA GLU A 432 -22.02 -16.05 -0.13
C GLU A 432 -22.25 -16.43 1.33
N THR A 433 -21.22 -16.98 1.97
CA THR A 433 -21.35 -17.42 3.35
C THR A 433 -20.35 -16.74 4.29
N GLN A 434 -19.39 -16.02 3.71
CA GLN A 434 -18.36 -15.33 4.49
C GLN A 434 -17.39 -16.28 5.21
N GLU A 435 -17.37 -17.56 4.81
CA GLU A 435 -16.47 -18.52 5.44
C GLU A 435 -15.07 -18.44 4.84
N ARG A 436 -14.08 -18.56 5.73
CA ARG A 436 -12.68 -18.53 5.35
C ARG A 436 -12.17 -19.93 5.11
N THR A 437 -11.34 -20.09 4.08
CA THR A 437 -10.77 -21.37 3.72
C THR A 437 -9.36 -21.12 3.19
N PRO A 438 -8.33 -21.52 3.96
CA PRO A 438 -6.93 -21.35 3.57
C PRO A 438 -6.64 -22.00 2.22
N LYS A 439 -5.86 -21.32 1.37
CA LYS A 439 -5.51 -21.87 0.06
C LYS A 439 -4.20 -22.64 0.23
N GLN A 440 -3.81 -23.42 -0.76
CA GLN A 440 -2.56 -24.18 -0.66
C GLN A 440 -1.38 -23.25 -0.42
N SER A 441 -1.38 -22.09 -1.08
CA SER A 441 -0.29 -21.13 -0.92
C SER A 441 -0.11 -20.75 0.55
N ALA A 442 -1.22 -20.68 1.28
CA ALA A 442 -1.19 -20.35 2.70
C ALA A 442 -0.50 -21.47 3.49
N LEU A 443 -0.85 -22.71 3.18
CA LEU A 443 -0.26 -23.86 3.85
C LEU A 443 1.23 -23.88 3.56
N TRP A 444 1.58 -23.61 2.30
CA TRP A 444 2.98 -23.58 1.88
C TRP A 444 3.70 -22.51 2.68
N PHE A 445 3.08 -21.35 2.78
CA PHE A 445 3.69 -20.26 3.50
C PHE A 445 3.92 -20.66 4.95
N LYS A 446 3.03 -21.48 5.49
CA LYS A 446 3.15 -21.93 6.87
C LYS A 446 4.39 -22.83 7.02
N GLN A 447 4.58 -23.79 6.11
CA GLN A 447 5.74 -24.65 6.20
C GLN A 447 7.01 -23.82 5.99
N MET A 448 6.97 -22.97 4.98
CA MET A 448 8.09 -22.11 4.64
C MET A 448 8.53 -21.30 5.86
N MET A 449 7.58 -20.68 6.56
CA MET A 449 7.90 -19.89 7.74
C MET A 449 8.40 -20.78 8.87
N ALA A 450 7.96 -22.03 8.89
CA ALA A 450 8.37 -22.99 9.91
C ALA A 450 9.87 -23.29 9.76
N LYS A 451 10.30 -23.52 8.51
CA LYS A 451 11.69 -23.83 8.21
C LYS A 451 12.43 -22.53 7.89
N ASN A 452 11.71 -21.41 7.95
CA ASN A 452 12.28 -20.11 7.66
C ASN A 452 13.00 -20.17 6.31
N GLY A 453 12.34 -20.77 5.32
CA GLY A 453 12.95 -20.88 4.02
C GLY A 453 12.26 -21.97 3.24
N PHE A 454 12.76 -22.29 2.06
CA PHE A 454 12.16 -23.31 1.20
C PHE A 454 13.16 -23.87 0.19
C2 BGC B . -2.37 -1.71 -2.91
C3 BGC B . -3.37 -2.71 -2.26
C4 BGC B . -4.21 -3.32 -3.41
C5 BGC B . -3.35 -3.87 -4.54
C6 BGC B . -4.17 -4.10 -5.82
C1 BGC B . -1.40 -2.45 -3.79
O1 BGC B . -0.58 -1.52 -4.38
O2 BGC B . -1.56 -1.15 -1.79
O3 BGC B . -4.25 -1.93 -1.36
O4 BGC B . -5.11 -4.29 -2.87
O5 BGC B . -2.33 -2.89 -4.86
O6 BGC B . -3.27 -4.59 -6.81
#